data_5AXM
#
_entry.id   5AXM
#
_cell.length_a   75.258
_cell.length_b   127.582
_cell.length_c   143.801
_cell.angle_alpha   90.00
_cell.angle_beta   90.00
_cell.angle_gamma   90.00
#
_symmetry.space_group_name_H-M   'I 2 2 2'
#
loop_
_entity.id
_entity.type
_entity.pdbx_description
1 polymer "tRNA(His)-5'-guanylyltransferase (Thg1) like protein"
2 polymer 'RNA (75-MER)'
3 non-polymer 'MAGNESIUM ION'
4 water water
#
loop_
_entity_poly.entity_id
_entity_poly.type
_entity_poly.pdbx_seq_one_letter_code
_entity_poly.pdbx_strand_id
1 'polypeptide(L)'
;MKTREIYAEMRCIPPVVLRADGRNFKNTLSGLGFEKPYDKTFARAMADTAELFIKKSGLSPLFAYTFSDEISFLFTDLPF
DGRVEKIDSVVASFLGSALTIKLRLEEPIAFDSRLVALQKEEIPEYFHRRQLEAWRNFVASWGYYALRNEGMGRNEAAKY
LKRKKESEIHEMLFERGINLATLPSWQRRGVIISKEAREIQGFNPVSGKEEKSLRRKITQNWEIPKFKSEKGIPFLEKLI
NRNLEHHHHHH
;
A,B
2 'polyribonucleotide' (GTP)GGAUUUAGCUCAGUUGGGAGAGCGCCAGACUGAAGAUCUGGAGGUCCUGUGUUCGAUCCACAGAAUCCCCACCA P
#
loop_
_chem_comp.id
_chem_comp.type
_chem_comp.name
_chem_comp.formula
A RNA linking ADENOSINE-5'-MONOPHOSPHATE 'C10 H14 N5 O7 P'
C RNA linking CYTIDINE-5'-MONOPHOSPHATE 'C9 H14 N3 O8 P'
G RNA linking GUANOSINE-5'-MONOPHOSPHATE 'C10 H14 N5 O8 P'
GTP non-polymer GUANOSINE-5'-TRIPHOSPHATE 'C10 H16 N5 O14 P3'
MG non-polymer 'MAGNESIUM ION' 'Mg 2'
U RNA linking URIDINE-5'-MONOPHOSPHATE 'C9 H13 N2 O9 P'
#
# COMPACT_ATOMS: atom_id res chain seq x y z
N THR A 3 -5.17 -15.22 18.03
CA THR A 3 -4.95 -15.66 16.66
C THR A 3 -3.47 -15.57 16.29
N ARG A 4 -3.17 -15.85 15.03
CA ARG A 4 -1.81 -15.77 14.52
C ARG A 4 -1.50 -14.36 14.02
N GLU A 5 -2.51 -13.49 14.06
CA GLU A 5 -2.34 -12.08 13.72
C GLU A 5 -1.76 -11.35 14.93
N ILE A 6 -0.48 -11.59 15.18
CA ILE A 6 0.13 -11.28 16.48
C ILE A 6 0.46 -9.81 16.71
N TYR A 7 0.38 -8.98 15.67
CA TYR A 7 0.59 -7.54 15.84
C TYR A 7 -0.68 -6.74 15.61
N ALA A 8 -1.76 -7.43 15.26
CA ALA A 8 -2.99 -6.77 14.81
C ALA A 8 -3.65 -5.89 15.86
N GLU A 9 -3.29 -6.09 17.12
CA GLU A 9 -3.90 -5.33 18.20
C GLU A 9 -2.89 -4.42 18.89
N MET A 10 -1.69 -4.33 18.34
CA MET A 10 -0.69 -3.38 18.83
C MET A 10 -1.18 -1.96 18.54
N ARG A 11 -1.11 -1.09 19.54
CA ARG A 11 -1.73 0.22 19.44
C ARG A 11 -0.81 1.38 19.79
N CYS A 12 -1.24 2.59 19.43
CA CYS A 12 -0.60 3.82 19.86
C CYS A 12 -1.62 4.70 20.57
N ILE A 13 -1.14 5.77 21.19
CA ILE A 13 -2.03 6.72 21.85
C ILE A 13 -1.90 8.09 21.21
N PRO A 14 -2.94 8.94 21.32
CA PRO A 14 -2.82 10.29 20.81
C PRO A 14 -2.03 11.18 21.77
N PRO A 15 -1.40 12.24 21.25
CA PRO A 15 -1.32 12.57 19.83
C PRO A 15 -0.25 11.75 19.14
N VAL A 16 -0.41 11.53 17.83
CA VAL A 16 0.57 10.76 17.09
C VAL A 16 0.84 11.41 15.74
N VAL A 17 2.03 11.16 15.21
CA VAL A 17 2.36 11.62 13.87
C VAL A 17 2.64 10.42 12.97
N LEU A 18 1.95 10.38 11.84
CA LEU A 18 2.26 9.40 10.82
C LEU A 18 3.15 10.05 9.77
N ARG A 19 4.33 9.48 9.54
CA ARG A 19 5.16 9.95 8.44
C ARG A 19 5.19 8.91 7.33
N ALA A 20 4.77 9.32 6.13
CA ALA A 20 4.79 8.45 4.97
C ALA A 20 5.87 8.92 4.00
N ASP A 21 6.67 7.98 3.52
CA ASP A 21 7.79 8.29 2.65
C ASP A 21 7.75 7.43 1.38
N GLY A 22 7.83 8.09 0.23
CA GLY A 22 7.79 7.40 -1.04
C GLY A 22 8.91 6.39 -1.20
N ARG A 23 8.52 5.14 -1.51
CA ARG A 23 9.48 4.07 -1.68
C ARG A 23 10.16 4.13 -3.04
N ASN A 24 11.43 4.50 -3.04
CA ASN A 24 12.24 4.55 -4.26
C ASN A 24 11.63 5.45 -5.34
N PHE A 25 11.17 6.63 -4.93
CA PHE A 25 10.51 7.53 -5.87
C PHE A 25 11.48 8.12 -6.88
N LYS A 26 12.68 8.46 -6.43
CA LYS A 26 13.65 9.11 -7.30
C LYS A 26 14.09 8.20 -8.45
N ASN A 27 14.21 6.90 -8.17
CA ASN A 27 14.50 5.94 -9.23
C ASN A 27 13.31 5.77 -10.17
N THR A 28 12.13 5.59 -9.59
CA THR A 28 10.90 5.34 -10.35
C THR A 28 10.50 6.53 -11.22
N LEU A 29 10.27 7.67 -10.58
CA LEU A 29 9.71 8.84 -11.26
C LEU A 29 10.66 9.46 -12.28
N SER A 30 11.96 9.23 -12.10
CA SER A 30 12.94 9.67 -13.09
C SER A 30 12.79 8.85 -14.38
N GLY A 31 12.45 7.58 -14.21
CA GLY A 31 12.22 6.70 -15.33
C GLY A 31 10.96 7.07 -16.09
N LEU A 32 10.17 7.97 -15.51
CA LEU A 32 8.92 8.43 -16.11
C LEU A 32 9.08 9.79 -16.76
N GLY A 33 10.19 10.47 -16.49
CA GLY A 33 10.48 11.74 -17.10
C GLY A 33 10.44 12.95 -16.17
N PHE A 34 10.17 12.69 -14.89
CA PHE A 34 10.11 13.76 -13.90
C PHE A 34 11.48 14.37 -13.64
N GLU A 35 11.51 15.62 -13.19
CA GLU A 35 12.75 16.33 -12.95
C GLU A 35 13.38 15.98 -11.60
N LYS A 36 14.69 16.14 -11.52
CA LYS A 36 15.46 15.85 -10.31
C LYS A 36 16.33 17.07 -9.97
N PRO A 37 16.56 17.32 -8.67
CA PRO A 37 16.05 16.56 -7.53
C PRO A 37 14.64 16.97 -7.13
N TYR A 38 14.10 18.02 -7.76
CA TYR A 38 12.76 18.49 -7.45
C TYR A 38 11.93 18.66 -8.72
N ASP A 39 10.61 18.56 -8.55
CA ASP A 39 9.68 18.67 -9.66
C ASP A 39 8.38 19.30 -9.19
N LYS A 40 8.00 20.41 -9.83
CA LYS A 40 6.81 21.15 -9.42
C LYS A 40 5.53 20.33 -9.55
N THR A 41 5.40 19.61 -10.66
CA THR A 41 4.22 18.77 -10.90
C THR A 41 4.08 17.71 -9.82
N PHE A 42 5.19 17.05 -9.48
CA PHE A 42 5.20 16.07 -8.41
C PHE A 42 4.88 16.73 -7.07
N ALA A 43 5.44 17.92 -6.86
CA ALA A 43 5.24 18.66 -5.62
C ALA A 43 3.77 19.00 -5.41
N ARG A 44 3.11 19.44 -6.47
CA ARG A 44 1.69 19.77 -6.41
C ARG A 44 0.87 18.51 -6.16
N ALA A 45 1.26 17.41 -6.80
CA ALA A 45 0.59 16.13 -6.62
C ALA A 45 0.68 15.65 -5.17
N MET A 46 1.86 15.83 -4.57
CA MET A 46 2.07 15.48 -3.16
C MET A 46 1.17 16.29 -2.24
N ALA A 47 1.09 17.58 -2.50
CA ALA A 47 0.27 18.49 -1.71
C ALA A 47 -1.22 18.21 -1.90
N ASP A 48 -1.62 17.97 -3.14
CA ASP A 48 -3.00 17.63 -3.45
C ASP A 48 -3.39 16.29 -2.82
N THR A 49 -2.44 15.36 -2.82
CA THR A 49 -2.63 14.05 -2.19
C THR A 49 -2.87 14.21 -0.69
N ALA A 50 -2.09 15.07 -0.06
CA ALA A 50 -2.23 15.34 1.36
C ALA A 50 -3.60 15.97 1.65
N GLU A 51 -3.98 16.96 0.85
CA GLU A 51 -5.27 17.61 0.99
C GLU A 51 -6.42 16.64 0.79
N LEU A 52 -6.30 15.79 -0.21
CA LEU A 52 -7.35 14.81 -0.51
C LEU A 52 -7.49 13.82 0.64
N PHE A 53 -6.38 13.49 1.29
CA PHE A 53 -6.42 12.60 2.45
C PHE A 53 -7.15 13.26 3.61
N ILE A 54 -6.78 14.50 3.91
CA ILE A 54 -7.41 15.24 4.99
C ILE A 54 -8.93 15.38 4.76
N LYS A 55 -9.31 15.56 3.50
CA LYS A 55 -10.70 15.81 3.14
C LYS A 55 -11.55 14.55 2.99
N LYS A 56 -10.96 13.49 2.46
CA LYS A 56 -11.74 12.36 1.96
C LYS A 56 -11.50 11.03 2.68
N SER A 57 -10.47 10.96 3.50
CA SER A 57 -10.15 9.70 4.17
C SER A 57 -11.13 9.38 5.30
N GLY A 58 -11.56 10.43 6.00
CA GLY A 58 -12.44 10.27 7.14
C GLY A 58 -11.69 10.04 8.43
N LEU A 59 -10.36 10.07 8.34
CA LEU A 59 -9.51 9.84 9.51
C LEU A 59 -9.19 11.14 10.22
N SER A 60 -9.44 12.26 9.54
CA SER A 60 -9.37 13.59 10.14
C SER A 60 -8.07 13.93 10.86
N PRO A 61 -6.97 14.12 10.10
CA PRO A 61 -5.75 14.68 10.72
C PRO A 61 -5.85 16.20 10.83
N LEU A 62 -5.14 16.78 11.79
CA LEU A 62 -5.17 18.23 11.98
C LEU A 62 -4.53 18.96 10.80
N PHE A 63 -3.30 18.58 10.46
CA PHE A 63 -2.62 19.17 9.32
C PHE A 63 -1.51 18.25 8.82
N ALA A 64 -0.94 18.61 7.68
CA ALA A 64 0.14 17.84 7.08
C ALA A 64 1.33 18.72 6.71
N TYR A 65 2.53 18.17 6.82
CA TYR A 65 3.74 18.84 6.39
C TYR A 65 4.47 17.97 5.37
N THR A 66 4.69 18.50 4.18
CA THR A 66 5.29 17.71 3.11
C THR A 66 6.50 18.41 2.48
N PHE A 67 7.50 17.61 2.13
CA PHE A 67 8.64 18.06 1.34
C PHE A 67 9.27 16.83 0.69
N SER A 68 9.89 17.04 -0.47
CA SER A 68 10.46 15.94 -1.25
C SER A 68 9.38 14.89 -1.51
N ASP A 69 9.61 13.67 -1.02
CA ASP A 69 8.65 12.59 -1.24
C ASP A 69 8.04 12.08 0.07
N GLU A 70 8.03 12.91 1.11
CA GLU A 70 7.45 12.50 2.38
C GLU A 70 6.32 13.42 2.84
N ILE A 71 5.40 12.86 3.61
CA ILE A 71 4.32 13.63 4.24
C ILE A 71 4.15 13.22 5.70
N SER A 72 4.13 14.20 6.60
CA SER A 72 3.85 13.94 8.01
C SER A 72 2.46 14.48 8.38
N PHE A 73 1.62 13.60 8.94
CA PHE A 73 0.31 14.00 9.41
C PHE A 73 0.24 14.02 10.93
N LEU A 74 -0.33 15.08 11.49
CA LEU A 74 -0.58 15.12 12.92
C LEU A 74 -2.00 14.64 13.24
N PHE A 75 -2.10 13.64 14.10
CA PHE A 75 -3.38 13.15 14.58
C PHE A 75 -3.55 13.48 16.07
N THR A 76 -4.63 14.17 16.43
CA THR A 76 -4.92 14.44 17.83
C THR A 76 -5.96 13.47 18.35
N ASP A 77 -6.81 12.98 17.44
CA ASP A 77 -7.72 11.88 17.74
C ASP A 77 -7.35 10.69 16.85
N LEU A 78 -7.41 9.49 17.42
CA LEU A 78 -6.92 8.31 16.70
C LEU A 78 -8.00 7.55 15.96
N PRO A 79 -7.73 7.23 14.68
CA PRO A 79 -8.58 6.36 13.87
C PRO A 79 -8.29 4.90 14.18
N PHE A 80 -9.21 4.01 13.83
CA PHE A 80 -9.01 2.57 13.92
C PHE A 80 -8.60 2.09 15.31
N ASP A 81 -9.07 2.80 16.34
CA ASP A 81 -8.77 2.45 17.74
C ASP A 81 -7.28 2.42 18.04
N GLY A 82 -6.50 3.19 17.29
CA GLY A 82 -5.08 3.30 17.52
C GLY A 82 -4.27 2.11 17.05
N ARG A 83 -4.92 1.17 16.35
CA ARG A 83 -4.24 0.00 15.83
C ARG A 83 -3.17 0.37 14.83
N VAL A 84 -1.93 0.01 15.13
CA VAL A 84 -0.77 0.43 14.34
C VAL A 84 -0.76 -0.12 12.92
N GLU A 85 -0.94 -1.44 12.79
CA GLU A 85 -0.93 -2.08 11.48
C GLU A 85 -1.98 -1.48 10.54
N LYS A 86 -3.18 -1.24 11.07
CA LYS A 86 -4.28 -0.74 10.27
C LYS A 86 -4.04 0.71 9.85
N ILE A 87 -3.52 1.52 10.77
CA ILE A 87 -3.26 2.93 10.48
C ILE A 87 -2.17 3.10 9.43
N ASP A 88 -1.02 2.45 9.66
CA ASP A 88 0.09 2.51 8.71
C ASP A 88 -0.30 2.04 7.32
N SER A 89 -0.99 0.91 7.25
CA SER A 89 -1.30 0.30 5.95
C SER A 89 -2.38 1.08 5.19
N VAL A 90 -3.47 1.43 5.86
CA VAL A 90 -4.57 2.14 5.22
C VAL A 90 -4.14 3.52 4.73
N VAL A 91 -3.45 4.27 5.58
CA VAL A 91 -2.99 5.60 5.20
C VAL A 91 -2.00 5.52 4.03
N ALA A 92 -1.02 4.62 4.14
CA ALA A 92 -0.06 4.43 3.07
C ALA A 92 -0.74 4.03 1.76
N SER A 93 -1.79 3.22 1.88
CA SER A 93 -2.52 2.75 0.71
C SER A 93 -3.31 3.88 0.07
N PHE A 94 -3.99 4.68 0.90
CA PHE A 94 -4.76 5.81 0.42
C PHE A 94 -3.87 6.79 -0.34
N LEU A 95 -2.72 7.12 0.25
CA LEU A 95 -1.79 8.05 -0.36
C LEU A 95 -1.28 7.52 -1.70
N GLY A 96 -0.93 6.23 -1.72
CA GLY A 96 -0.48 5.59 -2.94
C GLY A 96 -1.53 5.65 -4.03
N SER A 97 -2.78 5.39 -3.67
CA SER A 97 -3.88 5.47 -4.62
C SER A 97 -4.11 6.91 -5.08
N ALA A 98 -4.13 7.84 -4.13
CA ALA A 98 -4.37 9.25 -4.41
C ALA A 98 -3.30 9.83 -5.33
N LEU A 99 -2.04 9.55 -5.00
CA LEU A 99 -0.92 10.05 -5.80
C LEU A 99 -0.96 9.48 -7.21
N THR A 100 -1.30 8.20 -7.31
CA THR A 100 -1.41 7.53 -8.60
C THR A 100 -2.43 8.25 -9.49
N ILE A 101 -3.54 8.66 -8.88
CA ILE A 101 -4.59 9.40 -9.59
C ILE A 101 -4.11 10.78 -10.03
N LYS A 102 -3.51 11.53 -9.10
CA LYS A 102 -3.07 12.89 -9.37
C LYS A 102 -2.05 12.97 -10.49
N LEU A 103 -1.14 11.99 -10.55
CA LEU A 103 -0.11 11.96 -11.57
C LEU A 103 -0.51 11.09 -12.77
N ARG A 104 -1.68 10.46 -12.67
CA ARG A 104 -2.16 9.52 -13.69
C ARG A 104 -1.08 8.54 -14.10
N LEU A 105 -0.49 7.86 -13.13
CA LEU A 105 0.57 6.91 -13.41
C LEU A 105 0.02 5.66 -14.07
N GLU A 106 0.85 4.99 -14.88
CA GLU A 106 0.45 3.76 -15.54
C GLU A 106 1.19 2.57 -14.93
N GLU A 107 2.05 2.86 -13.97
CA GLU A 107 2.75 1.82 -13.21
C GLU A 107 2.66 2.12 -11.73
N PRO A 108 2.48 1.07 -10.91
CA PRO A 108 2.22 1.26 -9.47
C PRO A 108 3.42 1.81 -8.70
N ILE A 109 3.13 2.62 -7.69
CA ILE A 109 4.14 3.13 -6.77
C ILE A 109 3.74 2.76 -5.34
N ALA A 110 4.57 3.09 -4.36
CA ALA A 110 4.27 2.75 -2.98
C ALA A 110 4.88 3.71 -1.97
N PHE A 111 4.09 4.03 -0.94
CA PHE A 111 4.58 4.74 0.24
C PHE A 111 4.86 3.76 1.36
N ASP A 112 5.81 4.08 2.23
CA ASP A 112 5.91 3.39 3.50
C ASP A 112 5.21 4.28 4.53
N SER A 113 5.03 3.77 5.74
CA SER A 113 4.43 4.58 6.80
C SER A 113 4.86 4.08 8.16
N ARG A 114 5.15 5.02 9.04
CA ARG A 114 5.51 4.70 10.41
C ARG A 114 4.81 5.66 11.36
N LEU A 115 4.60 5.22 12.59
CA LEU A 115 3.98 6.08 13.58
C LEU A 115 5.04 6.65 14.51
N VAL A 116 5.01 7.96 14.71
CA VAL A 116 5.92 8.63 15.62
C VAL A 116 5.18 8.97 16.91
N ALA A 117 5.42 8.20 17.96
CA ALA A 117 4.71 8.37 19.22
C ALA A 117 5.28 9.54 20.02
N LEU A 118 4.90 10.75 19.62
CA LEU A 118 5.36 11.95 20.30
C LEU A 118 4.48 12.31 21.49
N GLN A 119 5.09 12.98 22.47
CA GLN A 119 4.34 13.66 23.51
C GLN A 119 3.84 14.98 22.93
N LYS A 120 2.81 15.56 23.54
CA LYS A 120 2.23 16.79 23.03
C LYS A 120 3.25 17.93 23.07
N GLU A 121 4.12 17.89 24.06
CA GLU A 121 5.15 18.89 24.24
C GLU A 121 6.14 18.91 23.07
N GLU A 122 6.30 17.75 22.44
CA GLU A 122 7.35 17.56 21.45
C GLU A 122 6.91 17.75 20.00
N ILE A 123 5.62 18.04 19.80
CA ILE A 123 5.11 18.20 18.45
C ILE A 123 5.82 19.31 17.65
N PRO A 124 6.01 20.50 18.25
CA PRO A 124 6.77 21.49 17.47
C PRO A 124 8.20 21.04 17.17
N GLU A 125 8.81 20.32 18.11
CA GLU A 125 10.17 19.83 17.97
C GLU A 125 10.29 18.90 16.76
N TYR A 126 9.34 17.99 16.61
CA TYR A 126 9.34 17.03 15.51
C TYR A 126 9.36 17.72 14.14
N PHE A 127 8.41 18.63 13.92
CA PHE A 127 8.28 19.30 12.64
C PHE A 127 9.46 20.23 12.36
N HIS A 128 10.06 20.75 13.42
CA HIS A 128 11.28 21.54 13.29
C HIS A 128 12.42 20.69 12.73
N ARG A 129 12.57 19.49 13.28
CA ARG A 129 13.60 18.57 12.83
C ARG A 129 13.35 18.09 11.41
N ARG A 130 12.08 17.91 11.07
CA ARG A 130 11.70 17.53 9.71
C ARG A 130 12.08 18.63 8.72
N GLN A 131 11.83 19.88 9.12
CA GLN A 131 12.19 21.01 8.27
C GLN A 131 13.70 21.15 8.13
N LEU A 132 14.42 20.83 9.20
CA LEU A 132 15.88 20.82 9.16
C LEU A 132 16.36 19.78 8.16
N GLU A 133 15.69 18.64 8.16
CA GLU A 133 15.98 17.58 7.20
C GLU A 133 15.68 18.05 5.78
N ALA A 134 14.60 18.83 5.65
CA ALA A 134 14.21 19.37 4.35
C ALA A 134 15.30 20.28 3.78
N TRP A 135 15.91 21.06 4.65
CA TRP A 135 16.97 21.96 4.23
C TRP A 135 18.24 21.21 3.85
N ARG A 136 18.66 20.27 4.69
CA ARG A 136 19.88 19.51 4.42
C ARG A 136 19.72 18.70 3.15
N ASN A 137 18.51 18.21 2.90
CA ASN A 137 18.23 17.45 1.68
C ASN A 137 18.21 18.35 0.46
N PHE A 138 17.72 19.58 0.65
CA PHE A 138 17.67 20.57 -0.41
C PHE A 138 19.07 20.89 -0.94
N VAL A 139 19.98 21.21 -0.02
CA VAL A 139 21.35 21.56 -0.38
C VAL A 139 22.13 20.34 -0.92
N ALA A 140 22.01 19.22 -0.23
CA ALA A 140 22.76 18.02 -0.60
C ALA A 140 22.35 17.46 -1.96
N SER A 141 21.04 17.32 -2.18
CA SER A 141 20.55 16.72 -3.42
C SER A 141 20.84 17.62 -4.62
N TRP A 142 20.75 18.93 -4.43
CA TRP A 142 21.08 19.85 -5.51
C TRP A 142 22.57 19.80 -5.82
N GLY A 143 23.38 19.70 -4.78
CA GLY A 143 24.82 19.57 -4.96
C GLY A 143 25.17 18.31 -5.71
N TYR A 144 24.51 17.21 -5.35
CA TYR A 144 24.78 15.91 -5.95
C TYR A 144 24.23 15.82 -7.38
N TYR A 145 22.94 16.11 -7.54
CA TYR A 145 22.27 15.94 -8.83
C TYR A 145 22.65 17.01 -9.86
N ALA A 146 23.54 17.93 -9.49
CA ALA A 146 24.03 18.92 -10.43
C ALA A 146 25.41 18.51 -10.93
N LEU A 147 26.21 17.95 -10.03
CA LEU A 147 27.52 17.44 -10.40
C LEU A 147 27.43 16.21 -11.27
N ARG A 148 26.21 15.74 -11.51
CA ARG A 148 26.00 14.57 -12.38
C ARG A 148 25.65 15.00 -13.80
N ASN A 149 26.16 16.14 -14.22
CA ASN A 149 25.95 16.63 -15.58
C ASN A 149 27.17 17.38 -16.12
N MET A 152 29.58 13.30 -15.25
CA MET A 152 30.16 12.81 -14.01
C MET A 152 29.16 11.91 -13.29
N GLY A 153 29.66 10.78 -12.77
CA GLY A 153 28.79 9.73 -12.25
C GLY A 153 28.54 9.72 -10.76
N ARG A 154 28.00 8.61 -10.26
CA ARG A 154 27.61 8.46 -8.85
C ARG A 154 28.74 8.72 -7.86
N ASN A 155 29.71 7.81 -7.81
CA ASN A 155 30.79 7.91 -6.84
C ASN A 155 31.65 9.14 -7.09
N GLU A 156 31.73 9.57 -8.35
CA GLU A 156 32.48 10.75 -8.70
C GLU A 156 31.90 12.02 -8.06
N ALA A 157 30.60 12.19 -8.20
CA ALA A 157 29.92 13.36 -7.64
C ALA A 157 30.06 13.41 -6.12
N ALA A 158 29.89 12.26 -5.47
CA ALA A 158 29.98 12.16 -4.02
C ALA A 158 31.39 12.46 -3.53
N LYS A 159 32.37 11.78 -4.12
CA LYS A 159 33.79 12.03 -3.83
C LYS A 159 34.14 13.49 -4.08
N TYR A 160 33.53 14.07 -5.10
CA TYR A 160 33.70 15.48 -5.43
C TYR A 160 33.11 16.35 -4.32
N LEU A 161 32.02 15.86 -3.72
CA LEU A 161 31.29 16.62 -2.70
C LEU A 161 31.78 16.39 -1.29
N LYS A 162 32.80 15.55 -1.12
CA LYS A 162 33.26 15.19 0.21
C LYS A 162 33.84 16.39 0.98
N ARG A 163 33.33 16.57 2.19
CA ARG A 163 33.86 17.51 3.19
C ARG A 163 33.62 19.00 2.92
N LYS A 164 33.13 19.35 1.73
CA LYS A 164 32.84 20.75 1.46
C LYS A 164 31.56 21.20 2.16
N LYS A 165 31.68 22.23 2.98
CA LYS A 165 30.56 22.74 3.76
C LYS A 165 29.45 23.31 2.89
N GLU A 166 28.36 23.71 3.54
CA GLU A 166 27.17 24.19 2.86
C GLU A 166 27.44 25.42 1.98
N SER A 167 28.13 26.41 2.54
CA SER A 167 28.41 27.65 1.82
C SER A 167 29.22 27.38 0.56
N GLU A 168 30.14 26.42 0.63
CA GLU A 168 30.95 26.05 -0.53
C GLU A 168 30.12 25.36 -1.60
N ILE A 169 29.07 24.67 -1.17
CA ILE A 169 28.15 24.03 -2.11
C ILE A 169 27.34 25.08 -2.85
N HIS A 170 26.93 26.12 -2.13
CA HIS A 170 26.21 27.25 -2.73
C HIS A 170 27.04 27.90 -3.84
N GLU A 171 28.27 28.25 -3.50
CA GLU A 171 29.17 28.91 -4.44
C GLU A 171 29.51 28.01 -5.61
N MET A 172 29.70 26.72 -5.32
CA MET A 172 30.00 25.73 -6.34
C MET A 172 28.84 25.61 -7.33
N LEU A 173 27.63 25.60 -6.80
CA LEU A 173 26.44 25.46 -7.64
C LEU A 173 26.16 26.72 -8.45
N PHE A 174 26.52 27.88 -7.92
CA PHE A 174 26.25 29.14 -8.61
C PHE A 174 27.10 29.29 -9.86
N GLU A 175 28.33 28.80 -9.81
CA GLU A 175 29.23 28.87 -10.96
C GLU A 175 28.73 27.99 -12.11
N ARG A 176 27.86 27.05 -11.79
CA ARG A 176 27.32 26.13 -12.77
C ARG A 176 25.85 26.44 -13.07
N GLY A 177 25.44 27.67 -12.76
CA GLY A 177 24.12 28.16 -13.15
C GLY A 177 22.98 27.73 -12.25
N ILE A 178 23.28 27.36 -11.02
CA ILE A 178 22.24 26.95 -10.08
C ILE A 178 22.27 27.81 -8.82
N ASN A 179 21.22 28.59 -8.62
CA ASN A 179 21.13 29.55 -7.51
C ASN A 179 20.20 29.05 -6.42
N LEU A 180 20.77 28.46 -5.37
CA LEU A 180 19.99 27.90 -4.27
C LEU A 180 19.19 28.96 -3.53
N ALA A 181 19.70 30.18 -3.51
CA ALA A 181 19.10 31.27 -2.75
C ALA A 181 17.79 31.76 -3.38
N THR A 182 17.56 31.42 -4.64
CA THR A 182 16.39 31.92 -5.34
C THR A 182 15.44 30.80 -5.79
N LEU A 183 15.80 29.55 -5.48
CA LEU A 183 14.92 28.42 -5.75
C LEU A 183 13.67 28.54 -4.88
N PRO A 184 12.54 27.98 -5.34
CA PRO A 184 11.26 28.15 -4.64
C PRO A 184 11.27 27.70 -3.19
N SER A 185 10.41 28.30 -2.38
CA SER A 185 10.36 28.00 -0.95
C SER A 185 9.87 26.59 -0.66
N TRP A 186 9.10 25.99 -1.58
CA TRP A 186 8.60 24.65 -1.36
C TRP A 186 9.75 23.63 -1.42
N GLN A 187 10.81 24.00 -2.13
CA GLN A 187 12.01 23.17 -2.14
C GLN A 187 12.82 23.36 -0.86
N ARG A 188 12.96 24.62 -0.45
CA ARG A 188 13.78 24.97 0.71
C ARG A 188 13.15 24.57 2.05
N ARG A 189 11.84 24.80 2.18
CA ARG A 189 11.18 24.66 3.48
C ARG A 189 10.02 23.66 3.49
N GLY A 190 9.50 23.34 2.32
CA GLY A 190 8.37 22.42 2.24
C GLY A 190 7.04 23.13 2.19
N VAL A 191 5.97 22.35 2.30
CA VAL A 191 4.60 22.87 2.14
C VAL A 191 3.71 22.42 3.29
N ILE A 192 2.86 23.32 3.79
CA ILE A 192 1.89 22.98 4.83
C ILE A 192 0.48 22.92 4.27
N ILE A 193 -0.20 21.80 4.53
CA ILE A 193 -1.62 21.68 4.22
C ILE A 193 -2.38 21.50 5.53
N SER A 194 -3.23 22.48 5.87
CA SER A 194 -3.88 22.48 7.17
C SER A 194 -5.39 22.71 7.10
N LYS A 195 -6.06 22.53 8.24
CA LYS A 195 -7.48 22.80 8.35
C LYS A 195 -7.72 24.12 9.07
N ARG A 216 -15.24 24.25 8.29
CA ARG A 216 -14.09 23.47 7.83
C ARG A 216 -13.46 24.10 6.60
N LYS A 217 -12.19 24.49 6.72
CA LYS A 217 -11.47 25.13 5.62
C LYS A 217 -10.11 24.47 5.44
N ILE A 218 -9.82 24.01 4.23
CA ILE A 218 -8.55 23.35 3.95
C ILE A 218 -7.65 24.22 3.06
N THR A 219 -6.44 24.47 3.54
CA THR A 219 -5.54 25.43 2.90
C THR A 219 -4.15 24.86 2.65
N GLN A 220 -3.63 25.11 1.44
CA GLN A 220 -2.22 24.80 1.15
C GLN A 220 -1.38 26.07 1.28
N ASN A 221 -0.31 25.99 2.07
CA ASN A 221 0.61 27.10 2.22
C ASN A 221 1.97 26.77 1.60
N TRP A 222 2.26 27.39 0.47
CA TRP A 222 3.49 27.11 -0.26
C TRP A 222 4.60 28.11 0.06
N GLU A 223 4.36 28.98 1.03
CA GLU A 223 5.37 29.94 1.48
C GLU A 223 5.39 30.00 3.01
N ILE A 224 5.85 28.93 3.64
CA ILE A 224 5.83 28.82 5.09
C ILE A 224 7.07 29.46 5.73
N PRO A 225 6.98 29.81 7.02
CA PRO A 225 8.15 30.34 7.74
C PRO A 225 9.06 29.24 8.25
N LYS A 226 10.20 29.62 8.84
CA LYS A 226 11.05 28.67 9.54
C LYS A 226 10.44 28.40 10.91
N PHE A 227 10.29 27.12 11.25
CA PHE A 227 9.50 26.70 12.40
C PHE A 227 10.08 27.09 13.77
N LYS A 228 11.40 27.01 13.93
CA LYS A 228 12.02 27.20 15.23
C LYS A 228 12.78 28.53 15.35
N SER A 229 12.09 29.63 15.06
CA SER A 229 12.64 30.97 15.28
C SER A 229 11.56 32.02 15.13
N PRO A 234 6.74 29.11 17.50
CA PRO A 234 5.43 29.54 17.99
C PRO A 234 4.36 29.45 16.91
N PHE A 235 4.77 29.43 15.65
CA PHE A 235 3.85 29.31 14.53
C PHE A 235 3.08 28.00 14.58
N LEU A 236 3.78 26.92 14.92
CA LEU A 236 3.19 25.59 14.93
C LEU A 236 2.21 25.39 16.08
N GLU A 237 2.60 25.83 17.27
CA GLU A 237 1.74 25.69 18.44
C GLU A 237 0.45 26.47 18.25
N LYS A 238 0.55 27.62 17.59
CA LYS A 238 -0.62 28.41 17.24
C LYS A 238 -1.47 27.70 16.19
N LEU A 239 -0.80 26.93 15.34
CA LEU A 239 -1.51 26.16 14.31
C LEU A 239 -2.28 25.01 14.93
N ILE A 240 -1.66 24.33 15.89
CA ILE A 240 -2.31 23.24 16.61
C ILE A 240 -3.33 23.77 17.61
N ASN A 241 -3.27 25.07 17.86
CA ASN A 241 -4.10 25.76 18.86
C ASN A 241 -3.87 25.18 20.26
N THR B 3 9.89 8.68 22.86
CA THR B 3 9.55 9.92 22.16
C THR B 3 9.90 9.79 20.68
N ARG B 4 9.71 8.59 20.14
CA ARG B 4 10.26 8.24 18.84
C ARG B 4 9.40 7.28 18.01
N GLU B 5 10.04 6.73 16.98
CA GLU B 5 9.42 5.75 16.10
C GLU B 5 9.54 4.36 16.73
N ILE B 6 8.76 4.13 17.79
CA ILE B 6 8.93 2.95 18.63
C ILE B 6 8.42 1.65 18.00
N TYR B 7 7.60 1.75 16.95
CA TYR B 7 7.03 0.57 16.32
C TYR B 7 7.87 0.11 15.13
N ALA B 8 8.91 0.87 14.83
CA ALA B 8 9.73 0.62 13.65
C ALA B 8 10.68 -0.56 13.83
N GLU B 9 10.82 -1.02 15.07
CA GLU B 9 11.71 -2.14 15.36
C GLU B 9 10.91 -3.43 15.61
N MET B 10 9.59 -3.33 15.47
CA MET B 10 8.74 -4.51 15.52
C MET B 10 9.00 -5.39 14.30
N ARG B 11 9.37 -6.63 14.54
CA ARG B 11 9.75 -7.53 13.46
C ARG B 11 8.96 -8.83 13.50
N CYS B 12 8.82 -9.46 12.34
CA CYS B 12 8.21 -10.78 12.26
C CYS B 12 9.20 -11.77 11.66
N ILE B 13 8.89 -13.05 11.80
CA ILE B 13 9.79 -14.11 11.38
C ILE B 13 9.08 -15.08 10.45
N PRO B 14 9.69 -15.37 9.30
CA PRO B 14 9.11 -16.31 8.32
C PRO B 14 8.97 -17.72 8.90
N PRO B 15 7.99 -18.49 8.41
CA PRO B 15 7.04 -18.10 7.37
C PRO B 15 5.94 -17.16 7.86
N VAL B 16 5.47 -16.30 6.97
CA VAL B 16 4.48 -15.30 7.32
C VAL B 16 3.52 -15.09 6.15
N VAL B 17 2.25 -14.92 6.46
CA VAL B 17 1.28 -14.52 5.45
C VAL B 17 0.85 -13.07 5.67
N LEU B 18 0.90 -12.28 4.61
CA LEU B 18 0.33 -10.94 4.64
C LEU B 18 -1.06 -10.97 4.02
N ARG B 19 -2.07 -10.54 4.77
CA ARG B 19 -3.41 -10.42 4.22
C ARG B 19 -3.79 -8.96 4.08
N ALA B 20 -4.08 -8.55 2.85
CA ALA B 20 -4.56 -7.19 2.60
C ALA B 20 -6.04 -7.26 2.28
N ASP B 21 -6.81 -6.31 2.83
CA ASP B 21 -8.25 -6.28 2.62
C ASP B 21 -8.72 -4.88 2.28
N GLY B 22 -9.53 -4.78 1.22
CA GLY B 22 -10.06 -3.50 0.78
C GLY B 22 -10.89 -2.83 1.86
N ARG B 23 -10.54 -1.58 2.16
CA ARG B 23 -11.24 -0.82 3.18
C ARG B 23 -12.51 -0.19 2.62
N ASN B 24 -13.66 -0.66 3.10
CA ASN B 24 -14.95 -0.08 2.73
C ASN B 24 -15.16 -0.04 1.22
N PHE B 25 -14.81 -1.13 0.56
CA PHE B 25 -14.81 -1.17 -0.90
C PHE B 25 -16.20 -1.08 -1.53
N LYS B 26 -17.21 -1.57 -0.82
CA LYS B 26 -18.57 -1.54 -1.38
C LYS B 26 -19.19 -0.15 -1.31
N ASN B 27 -18.46 0.79 -0.71
CA ASN B 27 -18.88 2.20 -0.70
C ASN B 27 -17.94 3.05 -1.54
N THR B 28 -16.65 2.71 -1.53
CA THR B 28 -15.65 3.49 -2.27
C THR B 28 -15.55 3.04 -3.73
N LEU B 29 -16.09 1.86 -4.03
CA LEU B 29 -16.14 1.39 -5.42
C LEU B 29 -17.58 1.30 -5.93
N SER B 30 -18.45 2.10 -5.33
CA SER B 30 -19.86 2.14 -5.73
C SER B 30 -20.40 3.56 -5.58
N GLY B 31 -21.27 3.97 -6.49
CA GLY B 31 -21.70 3.14 -7.59
C GLY B 31 -21.00 3.50 -8.89
N LEU B 32 -20.01 2.70 -9.27
CA LEU B 32 -19.27 2.93 -10.50
C LEU B 32 -19.57 1.84 -11.52
N GLY B 33 -20.78 1.28 -11.44
CA GLY B 33 -21.27 0.39 -12.47
C GLY B 33 -20.82 -1.05 -12.43
N PHE B 34 -20.40 -1.52 -11.26
CA PHE B 34 -20.00 -2.93 -11.13
C PHE B 34 -21.21 -3.84 -11.07
N GLU B 35 -21.12 -4.98 -11.75
CA GLU B 35 -22.20 -5.97 -11.74
C GLU B 35 -22.42 -6.53 -10.34
N LYS B 36 -23.68 -6.65 -9.95
CA LYS B 36 -24.04 -7.20 -8.64
C LYS B 36 -24.64 -8.58 -8.81
N PRO B 37 -24.32 -9.50 -7.88
CA PRO B 37 -23.43 -9.29 -6.75
C PRO B 37 -21.96 -9.45 -7.10
N TYR B 38 -21.68 -10.10 -8.23
CA TYR B 38 -20.30 -10.34 -8.66
C TYR B 38 -20.00 -9.69 -9.99
N ASP B 39 -18.76 -9.24 -10.14
CA ASP B 39 -18.30 -8.64 -11.39
C ASP B 39 -16.92 -9.22 -11.71
N LYS B 40 -16.84 -9.95 -12.81
CA LYS B 40 -15.60 -10.65 -13.16
C LYS B 40 -14.49 -9.66 -13.51
N THR B 41 -14.86 -8.46 -13.93
CA THR B 41 -13.88 -7.41 -14.22
C THR B 41 -13.13 -7.02 -12.95
N PHE B 42 -13.86 -6.94 -11.83
CA PHE B 42 -13.25 -6.62 -10.55
C PHE B 42 -12.39 -7.77 -10.05
N ALA B 43 -12.91 -8.99 -10.20
CA ALA B 43 -12.19 -10.19 -9.78
C ALA B 43 -10.89 -10.34 -10.54
N ARG B 44 -10.92 -10.03 -11.83
CA ARG B 44 -9.71 -10.08 -12.66
C ARG B 44 -8.73 -8.99 -12.24
N ALA B 45 -9.25 -7.82 -11.91
CA ALA B 45 -8.43 -6.71 -11.45
C ALA B 45 -7.68 -7.09 -10.18
N MET B 46 -8.38 -7.75 -9.27
CA MET B 46 -7.80 -8.23 -8.02
C MET B 46 -6.70 -9.24 -8.28
N ALA B 47 -6.96 -10.18 -9.18
CA ALA B 47 -6.00 -11.23 -9.52
C ALA B 47 -4.78 -10.66 -10.23
N ASP B 48 -5.01 -9.73 -11.16
CA ASP B 48 -3.94 -9.09 -11.90
C ASP B 48 -3.09 -8.21 -10.98
N THR B 49 -3.75 -7.57 -10.03
CA THR B 49 -3.06 -6.78 -9.01
C THR B 49 -2.10 -7.67 -8.22
N ALA B 50 -2.57 -8.86 -7.84
CA ALA B 50 -1.75 -9.81 -7.11
C ALA B 50 -0.57 -10.27 -7.94
N GLU B 51 -0.80 -10.55 -9.22
CA GLU B 51 0.26 -11.00 -10.12
C GLU B 51 1.31 -9.91 -10.31
N LEU B 52 0.83 -8.67 -10.50
CA LEU B 52 1.73 -7.54 -10.67
C LEU B 52 2.62 -7.34 -9.45
N PHE B 53 2.06 -7.60 -8.27
CA PHE B 53 2.83 -7.50 -7.04
C PHE B 53 3.94 -8.55 -6.99
N ILE B 54 3.56 -9.80 -7.26
CA ILE B 54 4.53 -10.89 -7.27
C ILE B 54 5.62 -10.64 -8.31
N LYS B 55 5.23 -10.04 -9.43
CA LYS B 55 6.11 -9.91 -10.58
C LYS B 55 7.07 -8.72 -10.49
N LYS B 56 6.58 -7.57 -10.03
CA LYS B 56 7.34 -6.33 -10.17
C LYS B 56 7.44 -5.46 -8.92
N SER B 57 7.06 -5.99 -7.76
CA SER B 57 7.17 -5.21 -6.52
C SER B 57 8.59 -5.29 -5.97
N GLY B 58 9.33 -6.30 -6.39
CA GLY B 58 10.67 -6.52 -5.87
C GLY B 58 10.62 -7.44 -4.66
N LEU B 59 9.42 -7.61 -4.10
CA LEU B 59 9.21 -8.54 -3.01
C LEU B 59 8.91 -9.91 -3.60
N SER B 60 9.12 -10.96 -2.82
CA SER B 60 9.05 -12.31 -3.39
C SER B 60 8.15 -13.27 -2.63
N PRO B 61 6.83 -13.03 -2.67
CA PRO B 61 5.90 -14.02 -2.09
C PRO B 61 5.84 -15.28 -2.95
N LEU B 62 5.63 -16.43 -2.33
CA LEU B 62 5.59 -17.70 -3.07
C LEU B 62 4.37 -17.76 -3.98
N PHE B 63 3.21 -17.43 -3.42
CA PHE B 63 1.98 -17.37 -4.20
C PHE B 63 0.96 -16.47 -3.51
N ALA B 64 -0.19 -16.31 -4.15
CA ALA B 64 -1.25 -15.48 -3.59
C ALA B 64 -2.62 -16.13 -3.72
N TYR B 65 -3.45 -15.92 -2.71
CA TYR B 65 -4.83 -16.40 -2.74
C TYR B 65 -5.77 -15.23 -2.56
N THR B 66 -6.62 -14.99 -3.55
CA THR B 66 -7.53 -13.86 -3.50
C THR B 66 -8.99 -14.27 -3.70
N PHE B 67 -9.86 -13.56 -2.99
CA PHE B 67 -11.30 -13.66 -3.18
C PHE B 67 -11.91 -12.39 -2.62
N SER B 68 -13.08 -12.02 -3.13
CA SER B 68 -13.72 -10.77 -2.74
C SER B 68 -12.74 -9.60 -2.91
N ASP B 69 -12.46 -8.90 -1.81
CA ASP B 69 -11.56 -7.75 -1.87
C ASP B 69 -10.31 -7.97 -1.03
N GLU B 70 -9.96 -9.22 -0.77
CA GLU B 70 -8.76 -9.51 0.00
C GLU B 70 -7.75 -10.34 -0.79
N ILE B 71 -6.49 -10.20 -0.41
CA ILE B 71 -5.40 -11.00 -0.99
C ILE B 71 -4.45 -11.45 0.11
N SER B 72 -4.14 -12.74 0.13
CA SER B 72 -3.15 -13.26 1.07
C SER B 72 -1.87 -13.66 0.32
N PHE B 73 -0.74 -13.14 0.77
CA PHE B 73 0.56 -13.51 0.20
C PHE B 73 1.37 -14.32 1.19
N LEU B 74 1.88 -15.47 0.76
CA LEU B 74 2.77 -16.27 1.61
C LEU B 74 4.22 -15.87 1.41
N PHE B 75 4.91 -15.56 2.50
CA PHE B 75 6.34 -15.22 2.44
C PHE B 75 7.18 -16.21 3.21
N THR B 76 8.28 -16.66 2.60
CA THR B 76 9.26 -17.47 3.31
C THR B 76 10.53 -16.65 3.50
N ASP B 77 10.58 -15.52 2.81
CA ASP B 77 11.66 -14.55 2.98
C ASP B 77 11.06 -13.14 3.03
N LEU B 78 11.58 -12.32 3.93
CA LEU B 78 10.97 -11.01 4.16
C LEU B 78 11.94 -9.86 3.92
N PRO B 79 11.45 -8.79 3.27
CA PRO B 79 12.23 -7.57 3.08
C PRO B 79 12.25 -6.73 4.36
N PHE B 80 13.07 -5.69 4.38
CA PHE B 80 13.12 -4.75 5.51
C PHE B 80 13.40 -5.46 6.84
N ASP B 81 14.12 -6.57 6.77
CA ASP B 81 14.49 -7.35 7.95
C ASP B 81 13.26 -7.79 8.75
N GLY B 82 12.14 -7.96 8.05
CA GLY B 82 10.92 -8.41 8.68
C GLY B 82 10.19 -7.35 9.49
N ARG B 83 10.52 -6.08 9.26
CA ARG B 83 9.88 -4.98 9.98
C ARG B 83 8.41 -4.83 9.61
N VAL B 84 7.54 -4.94 10.60
CA VAL B 84 6.10 -4.97 10.41
C VAL B 84 5.53 -3.71 9.75
N GLU B 85 5.91 -2.55 10.27
CA GLU B 85 5.43 -1.28 9.72
C GLU B 85 5.80 -1.13 8.25
N LYS B 86 7.07 -1.39 7.93
CA LYS B 86 7.58 -1.29 6.57
C LYS B 86 6.79 -2.19 5.62
N ILE B 87 6.65 -3.45 5.99
CA ILE B 87 6.01 -4.44 5.13
C ILE B 87 4.52 -4.13 4.92
N ASP B 88 3.79 -3.92 6.01
CA ASP B 88 2.36 -3.60 5.93
C ASP B 88 2.07 -2.38 5.07
N SER B 89 2.82 -1.30 5.30
CA SER B 89 2.57 -0.05 4.62
C SER B 89 2.92 -0.13 3.12
N VAL B 90 4.13 -0.59 2.81
CA VAL B 90 4.60 -0.67 1.43
C VAL B 90 3.70 -1.58 0.59
N VAL B 91 3.40 -2.77 1.10
CA VAL B 91 2.58 -3.73 0.36
C VAL B 91 1.17 -3.20 0.13
N ALA B 92 0.53 -2.68 1.17
CA ALA B 92 -0.80 -2.12 1.05
C ALA B 92 -0.83 -0.94 0.08
N SER B 93 0.26 -0.17 0.08
CA SER B 93 0.36 0.99 -0.79
C SER B 93 0.53 0.58 -2.25
N PHE B 94 1.36 -0.44 -2.49
CA PHE B 94 1.56 -0.97 -3.83
C PHE B 94 0.24 -1.50 -4.40
N LEU B 95 -0.49 -2.25 -3.58
CA LEU B 95 -1.75 -2.85 -4.01
C LEU B 95 -2.82 -1.80 -4.28
N GLY B 96 -2.87 -0.78 -3.42
CA GLY B 96 -3.81 0.30 -3.59
C GLY B 96 -3.55 1.06 -4.88
N SER B 97 -2.28 1.26 -5.18
CA SER B 97 -1.86 1.97 -6.40
C SER B 97 -2.15 1.13 -7.65
N ALA B 98 -1.80 -0.16 -7.60
CA ALA B 98 -1.98 -1.05 -8.73
C ALA B 98 -3.45 -1.21 -9.10
N LEU B 99 -4.29 -1.42 -8.10
CA LEU B 99 -5.72 -1.58 -8.33
C LEU B 99 -6.33 -0.29 -8.86
N THR B 100 -5.84 0.84 -8.36
CA THR B 100 -6.30 2.14 -8.83
C THR B 100 -6.07 2.29 -10.32
N ILE B 101 -4.91 1.82 -10.78
CA ILE B 101 -4.58 1.86 -12.20
C ILE B 101 -5.47 0.95 -13.03
N LYS B 102 -5.56 -0.31 -12.63
CA LYS B 102 -6.27 -1.33 -13.41
C LYS B 102 -7.77 -1.06 -13.47
N LEU B 103 -8.31 -0.40 -12.46
CA LEU B 103 -9.73 -0.07 -12.44
C LEU B 103 -9.97 1.35 -12.95
N ARG B 104 -8.88 2.05 -13.25
CA ARG B 104 -8.95 3.42 -13.79
C ARG B 104 -9.78 4.34 -12.90
N LEU B 105 -9.52 4.28 -11.60
CA LEU B 105 -10.30 5.05 -10.63
C LEU B 105 -10.01 6.54 -10.70
N GLU B 106 -10.98 7.34 -10.29
CA GLU B 106 -10.80 8.79 -10.22
C GLU B 106 -10.94 9.24 -8.76
N GLU B 107 -11.40 8.32 -7.91
CA GLU B 107 -11.46 8.55 -6.48
C GLU B 107 -10.63 7.49 -5.77
N PRO B 108 -9.83 7.91 -4.78
CA PRO B 108 -8.86 7.03 -4.11
C PRO B 108 -9.50 5.92 -3.28
N ILE B 109 -8.83 4.77 -3.23
CA ILE B 109 -9.24 3.65 -2.40
C ILE B 109 -8.10 3.29 -1.47
N ALA B 110 -8.33 2.30 -0.60
CA ALA B 110 -7.30 1.87 0.32
C ALA B 110 -7.43 0.41 0.75
N PHE B 111 -6.30 -0.27 0.82
CA PHE B 111 -6.21 -1.59 1.43
C PHE B 111 -5.67 -1.43 2.85
N ASP B 112 -6.12 -2.30 3.75
CA ASP B 112 -5.44 -2.45 5.02
C ASP B 112 -4.43 -3.57 4.83
N SER B 113 -3.65 -3.86 5.87
CA SER B 113 -2.71 -4.96 5.78
C SER B 113 -2.32 -5.44 7.18
N ARG B 114 -2.10 -6.74 7.31
CA ARG B 114 -1.71 -7.32 8.57
C ARG B 114 -0.86 -8.57 8.34
N LEU B 115 0.06 -8.83 9.26
CA LEU B 115 0.93 -10.00 9.13
C LEU B 115 0.43 -11.16 9.97
N VAL B 116 0.39 -12.34 9.37
CA VAL B 116 -0.04 -13.54 10.06
C VAL B 116 1.14 -14.48 10.25
N ALA B 117 1.61 -14.61 11.48
CA ALA B 117 2.76 -15.44 11.80
C ALA B 117 2.38 -16.91 11.87
N LEU B 118 3.07 -17.74 11.12
CA LEU B 118 2.73 -19.16 11.04
C LEU B 118 3.92 -20.07 11.23
N GLN B 119 3.66 -21.31 11.64
CA GLN B 119 4.63 -22.37 11.52
C GLN B 119 4.51 -22.90 10.10
N LYS B 120 5.58 -23.52 9.60
CA LYS B 120 5.55 -24.07 8.25
C LYS B 120 4.42 -25.08 8.09
N GLU B 121 4.19 -25.88 9.13
CA GLU B 121 3.16 -26.91 9.10
C GLU B 121 1.75 -26.34 9.15
N GLU B 122 1.63 -25.10 9.60
CA GLU B 122 0.32 -24.48 9.78
C GLU B 122 -0.20 -23.79 8.52
N ILE B 123 0.67 -23.61 7.53
CA ILE B 123 0.33 -22.88 6.31
C ILE B 123 -0.90 -23.43 5.57
N PRO B 124 -1.02 -24.77 5.42
CA PRO B 124 -2.26 -25.24 4.78
C PRO B 124 -3.52 -24.90 5.58
N GLU B 125 -3.39 -24.88 6.90
CA GLU B 125 -4.54 -24.57 7.77
C GLU B 125 -5.02 -23.14 7.57
N TYR B 126 -4.07 -22.22 7.39
CA TYR B 126 -4.43 -20.82 7.19
C TYR B 126 -5.28 -20.62 5.94
N PHE B 127 -4.84 -21.18 4.83
CA PHE B 127 -5.53 -21.00 3.56
C PHE B 127 -6.84 -21.75 3.50
N HIS B 128 -6.96 -22.80 4.31
CA HIS B 128 -8.23 -23.48 4.50
C HIS B 128 -9.23 -22.54 5.16
N ARG B 129 -8.79 -21.88 6.23
CA ARG B 129 -9.64 -20.94 6.96
C ARG B 129 -10.11 -19.79 6.07
N ARG B 130 -9.21 -19.30 5.24
CA ARG B 130 -9.55 -18.23 4.31
C ARG B 130 -10.52 -18.71 3.23
N GLN B 131 -10.35 -19.96 2.80
CA GLN B 131 -11.23 -20.51 1.78
C GLN B 131 -12.63 -20.74 2.34
N LEU B 132 -12.70 -21.09 3.63
CA LEU B 132 -13.98 -21.18 4.32
C LEU B 132 -14.65 -19.80 4.31
N GLU B 133 -13.86 -18.78 4.60
CA GLU B 133 -14.35 -17.40 4.58
C GLU B 133 -14.84 -17.02 3.19
N ALA B 134 -14.12 -17.50 2.19
CA ALA B 134 -14.50 -17.27 0.79
C ALA B 134 -15.87 -17.86 0.50
N TRP B 135 -16.10 -19.07 1.01
CA TRP B 135 -17.38 -19.75 0.83
C TRP B 135 -18.53 -18.99 1.50
N ARG B 136 -18.32 -18.57 2.75
CA ARG B 136 -19.34 -17.81 3.46
C ARG B 136 -19.57 -16.47 2.79
N ASN B 137 -18.50 -15.86 2.31
CA ASN B 137 -18.60 -14.63 1.53
C ASN B 137 -19.45 -14.84 0.28
N PHE B 138 -19.19 -15.96 -0.39
CA PHE B 138 -19.92 -16.32 -1.60
C PHE B 138 -21.41 -16.47 -1.35
N VAL B 139 -21.76 -17.27 -0.37
CA VAL B 139 -23.16 -17.52 -0.02
C VAL B 139 -23.86 -16.24 0.44
N ALA B 140 -23.19 -15.47 1.29
CA ALA B 140 -23.76 -14.26 1.86
C ALA B 140 -23.96 -13.17 0.81
N SER B 141 -23.09 -13.13 -0.18
CA SER B 141 -23.18 -12.13 -1.24
C SER B 141 -24.43 -12.37 -2.09
N TRP B 142 -24.65 -13.62 -2.48
CA TRP B 142 -25.83 -13.98 -3.26
C TRP B 142 -27.09 -13.89 -2.42
N GLY B 143 -26.98 -14.25 -1.15
CA GLY B 143 -28.09 -14.12 -0.22
C GLY B 143 -28.50 -12.67 -0.05
N TYR B 144 -27.51 -11.79 0.08
CA TYR B 144 -27.77 -10.37 0.23
C TYR B 144 -28.39 -9.79 -1.02
N TYR B 145 -27.90 -10.23 -2.18
CA TYR B 145 -28.41 -9.77 -3.46
C TYR B 145 -29.89 -10.13 -3.64
N ALA B 146 -30.25 -11.33 -3.21
CA ALA B 146 -31.62 -11.82 -3.34
C ALA B 146 -32.56 -11.09 -2.38
N LEU B 147 -32.17 -11.00 -1.12
CA LEU B 147 -33.00 -10.37 -0.10
C LEU B 147 -33.25 -8.89 -0.40
N ARG B 148 -32.21 -8.20 -0.86
CA ARG B 148 -32.31 -6.78 -1.17
C ARG B 148 -33.28 -6.51 -2.31
N ASN B 149 -33.15 -7.27 -3.39
CA ASN B 149 -33.99 -7.08 -4.57
C ASN B 149 -35.44 -7.49 -4.33
N GLU B 150 -35.65 -8.40 -3.38
CA GLU B 150 -37.00 -8.84 -3.03
C GLU B 150 -37.73 -7.76 -2.24
N GLY B 151 -36.97 -6.92 -1.53
CA GLY B 151 -37.57 -5.80 -0.83
C GLY B 151 -37.06 -5.55 0.58
N MET B 152 -36.15 -6.41 1.05
CA MET B 152 -35.62 -6.26 2.41
C MET B 152 -34.61 -5.11 2.48
N GLY B 153 -34.62 -4.39 3.59
CA GLY B 153 -33.75 -3.24 3.77
C GLY B 153 -32.28 -3.59 3.80
N ARG B 154 -31.43 -2.59 3.64
CA ARG B 154 -29.99 -2.79 3.62
C ARG B 154 -29.48 -3.41 4.92
N ASN B 155 -29.85 -2.80 6.05
CA ASN B 155 -29.39 -3.30 7.34
C ASN B 155 -30.23 -4.47 7.83
N GLU B 156 -31.46 -4.57 7.35
CA GLU B 156 -32.30 -5.73 7.68
C GLU B 156 -31.72 -6.99 7.05
N ALA B 157 -31.34 -6.89 5.78
CA ALA B 157 -30.74 -8.02 5.07
C ALA B 157 -29.37 -8.35 5.63
N ALA B 158 -28.61 -7.30 5.96
CA ALA B 158 -27.29 -7.46 6.55
C ALA B 158 -27.35 -8.22 7.85
N LYS B 159 -28.19 -7.76 8.78
CA LYS B 159 -28.33 -8.42 10.08
C LYS B 159 -28.89 -9.83 9.92
N TYR B 160 -29.78 -10.01 8.96
CA TYR B 160 -30.41 -11.30 8.71
C TYR B 160 -29.38 -12.38 8.40
N LEU B 161 -28.44 -12.07 7.51
CA LEU B 161 -27.47 -13.05 7.04
C LEU B 161 -26.42 -13.40 8.07
N LYS B 162 -26.12 -12.46 8.97
CA LYS B 162 -25.03 -12.66 9.92
C LYS B 162 -25.38 -13.72 10.95
N ARG B 163 -26.67 -13.87 11.23
CA ARG B 163 -27.12 -14.86 12.19
C ARG B 163 -27.27 -16.23 11.53
N LYS B 164 -27.74 -16.23 10.29
CA LYS B 164 -27.99 -17.47 9.57
C LYS B 164 -26.67 -18.13 9.20
N LYS B 165 -26.67 -19.47 9.18
CA LYS B 165 -25.47 -20.19 8.81
C LYS B 165 -25.41 -20.36 7.29
N GLU B 166 -24.26 -20.82 6.82
CA GLU B 166 -23.96 -20.86 5.39
C GLU B 166 -24.87 -21.82 4.64
N SER B 167 -25.17 -22.96 5.27
CA SER B 167 -26.05 -23.96 4.68
C SER B 167 -27.49 -23.47 4.63
N GLU B 168 -27.87 -22.66 5.60
CA GLU B 168 -29.23 -22.13 5.68
C GLU B 168 -29.52 -21.16 4.54
N ILE B 169 -28.62 -20.20 4.35
CA ILE B 169 -28.77 -19.23 3.28
C ILE B 169 -28.71 -19.94 1.92
N HIS B 170 -27.85 -20.94 1.81
CA HIS B 170 -27.73 -21.77 0.61
C HIS B 170 -29.07 -22.42 0.27
N GLU B 171 -29.73 -22.98 1.28
CA GLU B 171 -31.03 -23.61 1.09
C GLU B 171 -32.08 -22.57 0.71
N MET B 172 -31.91 -21.36 1.22
CA MET B 172 -32.82 -20.26 0.90
C MET B 172 -32.77 -19.89 -0.57
N LEU B 173 -31.55 -19.70 -1.08
CA LEU B 173 -31.35 -19.40 -2.49
C LEU B 173 -31.91 -20.52 -3.36
N PHE B 174 -31.70 -21.76 -2.89
CA PHE B 174 -32.25 -22.95 -3.52
C PHE B 174 -33.75 -22.80 -3.75
N GLU B 175 -34.48 -22.52 -2.67
CA GLU B 175 -35.94 -22.42 -2.73
C GLU B 175 -36.41 -21.23 -3.58
N ARG B 176 -35.51 -20.29 -3.84
CA ARG B 176 -35.86 -19.09 -4.61
C ARG B 176 -35.52 -19.25 -6.09
N GLY B 177 -34.95 -20.39 -6.45
CA GLY B 177 -34.59 -20.66 -7.83
C GLY B 177 -33.14 -20.35 -8.12
N ILE B 178 -32.40 -19.94 -7.08
CA ILE B 178 -30.99 -19.62 -7.22
C ILE B 178 -30.11 -20.83 -6.86
N ASN B 179 -29.57 -21.49 -7.88
CA ASN B 179 -28.74 -22.67 -7.66
C ASN B 179 -27.24 -22.31 -7.67
N LEU B 180 -26.66 -22.26 -6.48
CA LEU B 180 -25.27 -21.82 -6.31
C LEU B 180 -24.27 -22.85 -6.83
N ALA B 181 -24.72 -24.09 -7.02
CA ALA B 181 -23.83 -25.15 -7.47
C ALA B 181 -23.42 -25.00 -8.93
N THR B 182 -24.17 -24.18 -9.67
CA THR B 182 -23.92 -23.97 -11.10
C THR B 182 -22.97 -22.79 -11.33
N LEU B 183 -22.84 -21.93 -10.33
CA LEU B 183 -22.01 -20.73 -10.42
C LEU B 183 -20.53 -21.08 -10.57
N PRO B 184 -19.76 -20.18 -11.21
CA PRO B 184 -18.33 -20.41 -11.47
C PRO B 184 -17.51 -20.70 -10.21
N SER B 185 -16.42 -21.44 -10.37
CA SER B 185 -15.59 -21.85 -9.24
C SER B 185 -14.90 -20.68 -8.56
N TRP B 186 -14.58 -19.63 -9.32
CA TRP B 186 -13.85 -18.50 -8.76
C TRP B 186 -14.69 -17.74 -7.74
N GLN B 187 -16.00 -17.70 -7.95
CA GLN B 187 -16.91 -17.08 -7.00
C GLN B 187 -16.92 -17.85 -5.68
N ARG B 188 -16.94 -19.18 -5.77
CA ARG B 188 -17.11 -20.03 -4.58
C ARG B 188 -15.82 -20.26 -3.82
N ARG B 189 -14.71 -20.45 -4.53
CA ARG B 189 -13.48 -20.89 -3.90
C ARG B 189 -12.34 -19.88 -4.03
N GLY B 190 -12.51 -18.89 -4.90
CA GLY B 190 -11.51 -17.87 -5.08
C GLY B 190 -10.49 -18.22 -6.14
N VAL B 191 -9.38 -17.48 -6.16
CA VAL B 191 -8.37 -17.62 -7.20
C VAL B 191 -6.95 -17.71 -6.62
N ILE B 192 -6.17 -18.65 -7.15
CA ILE B 192 -4.76 -18.79 -6.78
C ILE B 192 -3.85 -18.17 -7.83
N ILE B 193 -2.90 -17.37 -7.38
CA ILE B 193 -1.87 -16.83 -8.27
C ILE B 193 -0.51 -17.36 -7.81
N SER B 194 0.11 -18.22 -8.61
CA SER B 194 1.34 -18.89 -8.21
C SER B 194 2.36 -18.98 -9.33
N LYS B 195 3.49 -19.63 -9.03
CA LYS B 195 4.55 -19.84 -10.00
C LYS B 195 4.62 -21.30 -10.42
N GLU B 196 4.74 -21.55 -11.71
CA GLU B 196 4.91 -22.92 -12.20
C GLU B 196 6.13 -23.03 -13.11
N ALA B 197 6.74 -24.21 -13.12
CA ALA B 197 7.96 -24.43 -13.88
C ALA B 197 7.68 -24.60 -15.38
N ARG B 198 8.55 -24.03 -16.20
CA ARG B 198 8.44 -24.15 -17.65
C ARG B 198 9.80 -24.53 -18.25
N GLU B 199 9.89 -25.74 -18.79
CA GLU B 199 11.13 -26.18 -19.42
C GLU B 199 11.36 -25.43 -20.73
N ILE B 200 12.57 -24.93 -20.92
CA ILE B 200 12.90 -24.19 -22.13
C ILE B 200 14.15 -24.74 -22.80
N GLN B 201 14.56 -24.08 -23.88
CA GLN B 201 15.76 -24.46 -24.60
C GLN B 201 16.53 -23.22 -25.03
N GLY B 202 17.84 -23.25 -24.84
CA GLY B 202 18.69 -22.16 -25.26
C GLY B 202 19.97 -22.66 -25.91
N PHE B 203 20.78 -21.74 -26.41
CA PHE B 203 22.01 -22.12 -27.08
C PHE B 203 23.25 -21.75 -26.26
N ASN B 204 23.96 -22.78 -25.82
CA ASN B 204 25.28 -22.60 -25.23
C ASN B 204 26.29 -22.40 -26.35
N PRO B 205 26.74 -21.15 -26.56
CA PRO B 205 27.63 -20.80 -27.67
C PRO B 205 28.92 -21.60 -27.61
N VAL B 206 29.34 -21.94 -26.40
CA VAL B 206 30.50 -22.78 -26.18
C VAL B 206 30.25 -24.23 -26.61
N SER B 207 29.22 -24.83 -26.04
CA SER B 207 28.94 -26.24 -26.27
C SER B 207 28.48 -26.47 -27.70
N GLY B 208 27.95 -25.43 -28.31
CA GLY B 208 27.40 -25.53 -29.65
C GLY B 208 26.15 -26.39 -29.69
N LYS B 209 25.57 -26.62 -28.52
CA LYS B 209 24.39 -27.47 -28.41
C LYS B 209 23.24 -26.74 -27.74
N GLU B 210 22.07 -27.36 -27.76
CA GLU B 210 20.90 -26.82 -27.07
C GLU B 210 20.81 -27.40 -25.67
N GLU B 211 20.70 -26.51 -24.69
CA GLU B 211 20.62 -26.92 -23.29
C GLU B 211 19.26 -26.62 -22.71
N LYS B 212 18.86 -27.41 -21.72
CA LYS B 212 17.57 -27.23 -21.06
C LYS B 212 17.74 -26.51 -19.73
N SER B 213 16.96 -25.46 -19.55
CA SER B 213 16.92 -24.78 -18.27
C SER B 213 15.46 -24.57 -17.91
N LEU B 214 15.19 -23.99 -16.73
CA LEU B 214 13.81 -23.79 -16.31
C LEU B 214 13.47 -22.31 -16.12
N ARG B 215 12.24 -21.95 -16.42
CA ARG B 215 11.72 -20.60 -16.20
C ARG B 215 10.45 -20.66 -15.37
N ARG B 216 10.44 -19.96 -14.24
CA ARG B 216 9.26 -19.92 -13.38
C ARG B 216 8.34 -18.80 -13.84
N LYS B 217 7.18 -19.16 -14.37
CA LYS B 217 6.22 -18.17 -14.85
C LYS B 217 5.01 -18.06 -13.92
N ILE B 218 4.48 -16.85 -13.80
CA ILE B 218 3.36 -16.60 -12.90
C ILE B 218 2.03 -16.92 -13.57
N THR B 219 1.23 -17.74 -12.88
CA THR B 219 0.00 -18.26 -13.44
C THR B 219 -1.19 -18.02 -12.50
N GLN B 220 -2.34 -17.69 -13.08
CA GLN B 220 -3.58 -17.60 -12.33
C GLN B 220 -4.42 -18.86 -12.50
N ASN B 221 -4.79 -19.48 -11.39
CA ASN B 221 -5.66 -20.66 -11.41
C ASN B 221 -7.06 -20.27 -10.95
N TRP B 222 -8.01 -20.27 -11.88
CA TRP B 222 -9.38 -19.85 -11.59
C TRP B 222 -10.31 -21.02 -11.34
N GLU B 223 -9.74 -22.23 -11.27
CA GLU B 223 -10.51 -23.42 -10.97
C GLU B 223 -9.75 -24.27 -9.95
N ILE B 224 -9.63 -23.76 -8.75
CA ILE B 224 -8.85 -24.40 -7.70
C ILE B 224 -9.69 -25.42 -6.93
N PRO B 225 -9.03 -26.43 -6.34
CA PRO B 225 -9.78 -27.41 -5.54
C PRO B 225 -10.11 -26.89 -4.15
N LYS B 226 -10.89 -27.66 -3.39
CA LYS B 226 -11.12 -27.37 -1.99
C LYS B 226 -9.86 -27.76 -1.22
N PHE B 227 -9.25 -26.79 -0.54
CA PHE B 227 -7.94 -26.97 0.07
C PHE B 227 -7.89 -28.12 1.08
N LYS B 228 -8.96 -28.26 1.87
CA LYS B 228 -9.02 -29.36 2.81
C LYS B 228 -9.82 -30.53 2.22
N SER B 229 -9.16 -31.30 1.37
CA SER B 229 -9.73 -32.46 0.73
C SER B 229 -8.58 -33.31 0.20
N GLU B 230 -8.88 -34.50 -0.29
CA GLU B 230 -7.84 -35.38 -0.80
C GLU B 230 -7.17 -34.81 -2.05
N LYS B 231 -7.92 -33.99 -2.79
CA LYS B 231 -7.40 -33.35 -3.99
C LYS B 231 -6.68 -32.05 -3.63
N GLY B 232 -7.14 -31.40 -2.57
CA GLY B 232 -6.62 -30.10 -2.17
C GLY B 232 -5.31 -30.13 -1.41
N ILE B 233 -5.11 -31.15 -0.58
CA ILE B 233 -3.90 -31.24 0.23
C ILE B 233 -2.61 -31.30 -0.62
N PRO B 234 -2.55 -32.19 -1.64
CA PRO B 234 -1.32 -32.17 -2.44
C PRO B 234 -1.21 -30.92 -3.31
N PHE B 235 -2.35 -30.31 -3.63
CA PHE B 235 -2.37 -29.07 -4.41
C PHE B 235 -1.63 -27.97 -3.64
N LEU B 236 -2.05 -27.73 -2.40
CA LEU B 236 -1.39 -26.76 -1.53
C LEU B 236 0.05 -27.17 -1.25
N GLU B 237 0.27 -28.47 -1.08
CA GLU B 237 1.59 -28.99 -0.75
C GLU B 237 2.62 -28.65 -1.82
N LYS B 238 2.20 -28.71 -3.07
CA LYS B 238 3.09 -28.39 -4.20
C LYS B 238 3.37 -26.89 -4.28
N LEU B 239 2.38 -26.07 -3.94
CA LEU B 239 2.54 -24.62 -3.93
C LEU B 239 3.55 -24.21 -2.87
N ILE B 240 3.38 -24.73 -1.66
CA ILE B 240 4.28 -24.46 -0.54
C ILE B 240 5.61 -25.16 -0.76
N ASN B 241 5.59 -26.24 -1.55
CA ASN B 241 6.78 -27.00 -1.91
C ASN B 241 7.47 -27.59 -0.69
PG GTP C 1 13.96 7.43 -2.61
O1G GTP C 1 12.44 7.30 -2.59
O2G GTP C 1 14.41 7.61 -4.05
O3G GTP C 1 14.59 6.19 -2.04
O3B GTP C 1 14.34 8.75 -1.78
PB GTP C 1 14.49 8.75 -0.18
O1B GTP C 1 13.17 9.19 0.45
O2B GTP C 1 14.95 7.42 0.36
O3A GTP C 1 15.66 9.85 0.07
PA GTP C 1 15.49 10.95 1.23
O1A GTP C 1 14.19 11.71 1.06
O2A GTP C 1 15.60 10.35 2.60
O5' GTP C 1 16.70 11.98 0.98
C5' GTP C 1 16.63 12.83 -0.15
C4' GTP C 1 18.03 13.26 -0.59
O4' GTP C 1 18.63 14.10 0.38
C3' GTP C 1 18.99 12.10 -0.79
O3' GTP C 1 18.88 11.50 -2.05
C2' GTP C 1 20.30 12.82 -0.67
O2' GTP C 1 20.60 13.43 -1.89
C1' GTP C 1 20.02 13.89 0.38
N9 GTP C 1 20.45 13.27 1.65
C8 GTP C 1 19.65 12.82 2.65
N7 GTP C 1 20.43 12.32 3.64
C5 GTP C 1 21.73 12.46 3.26
C6 GTP C 1 22.92 12.13 3.89
O6 GTP C 1 22.92 11.60 5.00
N1 GTP C 1 24.12 12.41 3.25
C2 GTP C 1 24.11 13.00 2.00
N2 GTP C 1 25.26 13.26 1.39
N3 GTP C 1 22.92 13.33 1.40
C4 GTP C 1 21.75 13.06 2.01
MG MG D . 11.73 7.98 -0.31
MG MG E . 12.20 10.69 1.64
MG MG F . -13.11 -5.27 2.66
MG MG G . -13.00 -8.45 2.81
#